data_8U0K
#
_entry.id   8U0K
#
_cell.length_a   96.623
_cell.length_b   101.561
_cell.length_c   64.816
_cell.angle_alpha   90.000
_cell.angle_beta   90.000
_cell.angle_gamma   90.000
#
_symmetry.space_group_name_H-M   'P 21 21 2'
#
loop_
_entity.id
_entity.type
_entity.pdbx_description
1 polymer 'Isopentenyl phosphate kinase'
2 non-polymer "ADENOSINE-5'-DIPHOSPHATE"
3 non-polymer 'Dimethylallyl monophosphate'
4 water water
#
_entity_poly.entity_id   1
_entity_poly.type   'polypeptide(L)'
_entity_poly.pdbx_seq_one_letter_code
;MGSSHHHHHHSSGLVPAGSHMIIIKLGGSVISDKEKEYSFHRHIVEQIAEEIAQFYPDESFILVHGGGSFGHPNAREYKI
TEGLVGDVDRKRIGFSKTHQAMLKLNDLIIQTFLEKGLPAYSVSSSSIFLLENKEVVYGELEILRKLLELKFIPVLFGDT
AIALDKGIDILSGDQIVSYLAKMLKPSKVIFLMDVDGIYDRNPKERDAKLIEELNVEEIRHLLESSESAGIDVTGGIGNK
LREALKIAKHSEVYFINGKVKENLGKAIRGEKVGTRLRKLEHPKIS
;
_entity_poly.pdbx_strand_id   A,B
#
loop_
_chem_comp.id
_chem_comp.type
_chem_comp.name
_chem_comp.formula
4LR non-polymer 'Dimethylallyl monophosphate' 'C5 H11 O4 P'
ADP non-polymer ADENOSINE-5'-DIPHOSPHATE 'C10 H15 N5 O10 P2'
#
# COMPACT_ATOMS: atom_id res chain seq x y z
N HIS A 20 -20.17 4.95 -15.24
CA HIS A 20 -20.72 5.58 -14.05
C HIS A 20 -19.66 5.76 -12.98
N MET A 21 -18.40 5.87 -13.41
CA MET A 21 -17.27 6.07 -12.50
C MET A 21 -16.45 7.23 -13.00
N ILE A 22 -16.06 8.11 -12.08
CA ILE A 22 -15.28 9.30 -12.41
C ILE A 22 -13.93 9.19 -11.72
N ILE A 23 -12.86 9.45 -12.46
CA ILE A 23 -11.50 9.48 -11.90
C ILE A 23 -11.11 10.94 -11.75
N ILE A 24 -10.72 11.34 -10.55
CA ILE A 24 -10.33 12.71 -10.26
C ILE A 24 -8.85 12.70 -9.90
N LYS A 25 -8.07 13.50 -10.62
CA LYS A 25 -6.63 13.60 -10.41
C LYS A 25 -6.35 14.94 -9.74
N LEU A 26 -5.94 14.88 -8.47
CA LEU A 26 -5.61 16.07 -7.70
C LEU A 26 -4.20 16.51 -8.06
N GLY A 27 -4.05 17.75 -8.52
CA GLY A 27 -2.75 18.24 -8.93
C GLY A 27 -1.78 18.36 -7.77
N GLY A 28 -0.49 18.21 -8.08
CA GLY A 28 0.52 18.36 -7.05
C GLY A 28 0.57 19.77 -6.50
N SER A 29 0.62 20.77 -7.39
CA SER A 29 0.56 22.17 -6.98
C SER A 29 -0.80 22.53 -6.40
N VAL A 30 -1.82 21.70 -6.62
CA VAL A 30 -3.13 21.94 -6.02
C VAL A 30 -3.11 21.61 -4.53
N ILE A 31 -2.85 20.33 -4.20
CA ILE A 31 -2.98 19.88 -2.81
C ILE A 31 -1.89 20.47 -1.90
N SER A 32 -0.76 20.90 -2.44
CA SER A 32 0.33 21.43 -1.63
C SER A 32 1.25 22.26 -2.52
N ASP A 33 2.50 22.40 -2.11
CA ASP A 33 3.48 23.19 -2.86
C ASP A 33 4.69 22.33 -3.27
N TYR A 38 7.22 20.75 2.56
CA TYR A 38 6.28 19.77 3.12
C TYR A 38 4.97 20.43 3.54
N SER A 39 4.47 21.33 2.70
CA SER A 39 3.26 22.09 3.00
C SER A 39 2.02 21.27 2.66
N PHE A 40 0.84 21.84 2.96
CA PHE A 40 -0.43 21.16 2.76
C PHE A 40 -1.58 22.14 2.91
N HIS A 41 -2.45 22.21 1.89
CA HIS A 41 -3.59 23.12 1.89
C HIS A 41 -4.84 22.35 2.31
N ARG A 42 -5.07 22.33 3.62
CA ARG A 42 -6.24 21.60 4.15
C ARG A 42 -7.54 22.17 3.61
N HIS A 43 -7.62 23.49 3.43
CA HIS A 43 -8.87 24.12 3.06
C HIS A 43 -9.37 23.63 1.71
N ILE A 44 -8.48 23.57 0.73
CA ILE A 44 -8.93 23.16 -0.60
C ILE A 44 -9.22 21.67 -0.66
N VAL A 45 -8.55 20.87 0.18
CA VAL A 45 -8.90 19.45 0.23
C VAL A 45 -10.28 19.26 0.84
N GLU A 46 -10.60 20.05 1.88
CA GLU A 46 -11.97 20.07 2.40
C GLU A 46 -12.96 20.50 1.33
N GLN A 47 -12.57 21.47 0.51
CA GLN A 47 -13.44 21.91 -0.58
C GLN A 47 -13.72 20.77 -1.56
N ILE A 48 -12.67 20.03 -1.92
CA ILE A 48 -12.81 18.92 -2.86
C ILE A 48 -13.70 17.83 -2.26
N ALA A 49 -13.49 17.53 -0.98
CA ALA A 49 -14.30 16.53 -0.30
C ALA A 49 -15.77 16.96 -0.25
N GLU A 50 -16.03 18.22 0.08
CA GLU A 50 -17.41 18.71 0.13
C GLU A 50 -18.05 18.64 -1.24
N GLU A 51 -17.30 18.97 -2.29
CA GLU A 51 -17.83 18.85 -3.64
C GLU A 51 -18.20 17.41 -3.96
N ILE A 52 -17.31 16.47 -3.63
CA ILE A 52 -17.57 15.07 -3.94
C ILE A 52 -18.78 14.56 -3.16
N ALA A 53 -18.92 15.01 -1.91
CA ALA A 53 -20.01 14.54 -1.05
C ALA A 53 -21.39 14.81 -1.65
N GLN A 54 -21.50 15.78 -2.55
CA GLN A 54 -22.77 16.05 -3.22
C GLN A 54 -23.13 15.01 -4.26
N PHE A 55 -22.22 14.09 -4.57
CA PHE A 55 -22.47 13.05 -5.56
C PHE A 55 -22.27 11.64 -5.02
N TYR A 56 -21.37 11.44 -4.07
CA TYR A 56 -21.29 10.16 -3.39
C TYR A 56 -22.56 9.95 -2.55
N PRO A 57 -23.07 8.70 -2.46
CA PRO A 57 -22.55 7.50 -3.13
C PRO A 57 -23.20 7.18 -4.47
N ASP A 58 -23.90 8.14 -5.08
CA ASP A 58 -24.57 7.85 -6.35
C ASP A 58 -23.57 7.54 -7.46
N GLU A 59 -22.41 8.18 -7.44
CA GLU A 59 -21.36 7.95 -8.42
C GLU A 59 -20.13 7.35 -7.74
N SER A 60 -19.36 6.58 -8.50
CA SER A 60 -18.13 5.96 -8.02
C SER A 60 -16.93 6.82 -8.39
N PHE A 61 -16.01 6.97 -7.45
CA PHE A 61 -14.87 7.86 -7.60
C PHE A 61 -13.57 7.13 -7.27
N ILE A 62 -12.59 7.25 -8.15
CA ILE A 62 -11.19 6.97 -7.83
C ILE A 62 -10.46 8.32 -7.78
N LEU A 63 -9.67 8.51 -6.73
CA LEU A 63 -8.88 9.72 -6.56
C LEU A 63 -7.41 9.37 -6.76
N VAL A 64 -6.67 10.22 -7.46
CA VAL A 64 -5.23 10.09 -7.57
C VAL A 64 -4.63 11.46 -7.25
N HIS A 65 -3.81 11.52 -6.22
CA HIS A 65 -3.19 12.78 -5.83
C HIS A 65 -1.70 12.77 -6.15
N GLY A 66 -1.19 13.95 -6.51
CA GLY A 66 0.18 14.09 -6.94
C GLY A 66 1.18 14.02 -5.79
N GLY A 67 2.45 14.10 -6.16
CA GLY A 67 3.51 14.00 -5.17
C GLY A 67 3.55 15.17 -4.21
N GLY A 68 3.28 16.37 -4.71
CA GLY A 68 3.25 17.54 -3.85
C GLY A 68 4.59 17.83 -3.20
N SER A 69 4.53 18.62 -2.13
CA SER A 69 5.70 19.01 -1.37
C SER A 69 6.25 17.89 -0.49
N PHE A 70 5.74 16.67 -0.64
CA PHE A 70 6.17 15.52 0.16
C PHE A 70 7.05 14.55 -0.62
N GLY A 71 6.74 14.31 -1.90
CA GLY A 71 7.47 13.33 -2.67
C GLY A 71 8.57 13.91 -3.55
N HIS A 72 8.37 15.13 -4.03
CA HIS A 72 9.35 15.77 -4.92
C HIS A 72 10.67 16.06 -4.21
N PRO A 73 10.66 16.58 -2.94
CA PRO A 73 11.92 16.71 -2.20
C PRO A 73 12.79 15.46 -2.22
N ASN A 74 12.25 14.34 -1.72
CA ASN A 74 13.05 13.12 -1.58
C ASN A 74 13.36 12.51 -2.94
N ALA A 75 12.42 12.55 -3.89
CA ALA A 75 12.67 12.00 -5.21
C ALA A 75 13.82 12.73 -5.91
N ARG A 76 13.83 14.06 -5.84
CA ARG A 76 14.90 14.81 -6.48
C ARG A 76 16.20 14.71 -5.69
N GLU A 77 16.12 14.65 -4.36
CA GLU A 77 17.33 14.54 -3.55
C GLU A 77 18.02 13.20 -3.77
N TYR A 78 17.25 12.13 -4.00
CA TYR A 78 17.81 10.81 -4.23
C TYR A 78 17.88 10.45 -5.70
N LYS A 79 17.34 11.30 -6.59
CA LYS A 79 17.45 11.12 -8.03
C LYS A 79 16.92 9.75 -8.46
N ILE A 80 15.66 9.50 -8.09
CA ILE A 80 15.05 8.19 -8.32
C ILE A 80 14.89 7.92 -9.82
N THR A 81 14.59 8.96 -10.60
CA THR A 81 14.36 8.77 -12.03
C THR A 81 15.59 8.30 -12.77
N GLU A 82 16.78 8.39 -12.15
CA GLU A 82 17.99 7.88 -12.78
C GLU A 82 18.05 6.35 -12.80
N GLY A 83 17.31 5.69 -11.92
CA GLY A 83 17.29 4.24 -11.87
C GLY A 83 18.24 3.70 -10.83
N LEU A 84 18.44 2.39 -10.88
CA LEU A 84 19.35 1.70 -9.95
C LEU A 84 20.75 1.74 -10.53
N VAL A 85 21.39 2.91 -10.39
CA VAL A 85 22.72 3.16 -10.92
C VAL A 85 23.54 3.91 -9.87
N GLY A 86 24.86 3.81 -10.00
CA GLY A 86 25.76 4.49 -9.08
C GLY A 86 25.67 3.93 -7.67
N ASP A 87 25.29 4.79 -6.72
CA ASP A 87 25.12 4.37 -5.33
C ASP A 87 23.74 3.70 -5.20
N VAL A 88 23.72 2.38 -5.47
CA VAL A 88 22.45 1.67 -5.48
C VAL A 88 21.85 1.57 -4.08
N ASP A 89 22.70 1.41 -3.06
CA ASP A 89 22.22 1.26 -1.69
C ASP A 89 21.54 2.55 -1.21
N ARG A 90 22.17 3.69 -1.46
CA ARG A 90 21.56 4.96 -1.12
C ARG A 90 20.27 5.17 -1.90
N LYS A 91 20.22 4.71 -3.14
CA LYS A 91 19.02 4.89 -3.93
C LYS A 91 17.88 4.01 -3.43
N ARG A 92 18.19 2.82 -2.91
CA ARG A 92 17.15 1.99 -2.29
C ARG A 92 16.61 2.63 -1.02
N ILE A 93 17.52 3.14 -0.18
CA ILE A 93 17.09 3.84 1.03
C ILE A 93 16.21 5.04 0.67
N GLY A 94 16.59 5.80 -0.36
CA GLY A 94 15.82 6.97 -0.74
C GLY A 94 14.49 6.62 -1.37
N PHE A 95 14.48 5.56 -2.19
CA PHE A 95 13.24 4.96 -2.68
C PHE A 95 12.25 4.75 -1.53
N SER A 96 12.72 4.06 -0.48
CA SER A 96 11.82 3.75 0.63
C SER A 96 11.40 5.02 1.39
N LYS A 97 12.34 5.95 1.60
CA LYS A 97 12.02 7.17 2.33
C LYS A 97 11.00 8.02 1.56
N THR A 98 11.14 8.09 0.24
CA THR A 98 10.19 8.83 -0.58
C THR A 98 8.81 8.19 -0.52
N HIS A 99 8.75 6.86 -0.57
CA HIS A 99 7.46 6.19 -0.42
C HIS A 99 6.84 6.51 0.93
N GLN A 100 7.64 6.53 2.00
CA GLN A 100 7.09 6.82 3.32
C GLN A 100 6.56 8.26 3.40
N ALA A 101 7.27 9.21 2.79
CA ALA A 101 6.78 10.59 2.74
C ALA A 101 5.46 10.69 1.98
N MET A 102 5.37 10.00 0.83
CA MET A 102 4.12 9.98 0.09
C MET A 102 3.00 9.35 0.91
N LEU A 103 3.32 8.36 1.74
CA LEU A 103 2.32 7.78 2.63
C LEU A 103 1.86 8.80 3.67
N LYS A 104 2.77 9.63 4.18
CA LYS A 104 2.38 10.69 5.12
C LYS A 104 1.40 11.66 4.47
N LEU A 105 1.71 12.12 3.26
CA LEU A 105 0.80 13.04 2.56
C LEU A 105 -0.54 12.36 2.28
N ASN A 106 -0.49 11.11 1.82
CA ASN A 106 -1.70 10.35 1.57
C ASN A 106 -2.55 10.25 2.83
N ASP A 107 -1.91 10.10 3.99
CA ASP A 107 -2.66 10.05 5.24
C ASP A 107 -3.33 11.37 5.54
N LEU A 108 -2.62 12.48 5.32
CA LEU A 108 -3.24 13.80 5.48
C LEU A 108 -4.53 13.90 4.66
N ILE A 109 -4.44 13.54 3.38
CA ILE A 109 -5.61 13.66 2.50
C ILE A 109 -6.73 12.69 2.93
N ILE A 110 -6.37 11.47 3.28
CA ILE A 110 -7.38 10.48 3.65
C ILE A 110 -8.10 10.92 4.92
N GLN A 111 -7.36 11.47 5.90
CA GLN A 111 -8.01 11.92 7.13
C GLN A 111 -8.94 13.09 6.84
N THR A 112 -8.51 14.03 6.00
CA THR A 112 -9.42 15.12 5.62
C THR A 112 -10.70 14.58 5.00
N PHE A 113 -10.59 13.57 4.13
CA PHE A 113 -11.78 13.04 3.47
C PHE A 113 -12.67 12.29 4.44
N LEU A 114 -12.07 11.55 5.38
CA LEU A 114 -12.87 10.84 6.37
C LEU A 114 -13.63 11.80 7.28
N GLU A 115 -13.00 12.93 7.63
CA GLU A 115 -13.66 13.89 8.51
C GLU A 115 -14.97 14.40 7.93
N LYS A 116 -15.06 14.51 6.61
CA LYS A 116 -16.27 15.00 5.95
C LYS A 116 -17.28 13.89 5.70
N GLY A 117 -17.09 12.71 6.28
CA GLY A 117 -18.01 11.62 6.13
C GLY A 117 -17.81 10.75 4.91
N LEU A 118 -16.78 11.01 4.11
CA LEU A 118 -16.52 10.24 2.91
C LEU A 118 -15.53 9.11 3.20
N PRO A 119 -15.80 7.88 2.75
CA PRO A 119 -14.94 6.73 3.10
C PRO A 119 -13.77 6.55 2.12
N ALA A 120 -12.83 7.48 2.18
CA ALA A 120 -11.61 7.35 1.41
C ALA A 120 -10.76 6.21 1.97
N TYR A 121 -10.17 5.42 1.07
CA TYR A 121 -9.33 4.29 1.47
C TYR A 121 -8.05 4.30 0.64
N SER A 122 -6.93 4.12 1.31
CA SER A 122 -5.62 4.26 0.67
C SER A 122 -5.23 2.99 -0.08
N VAL A 123 -4.68 3.18 -1.28
CA VAL A 123 -4.15 2.08 -2.08
C VAL A 123 -2.73 2.47 -2.50
N SER A 124 -1.76 1.68 -2.07
CA SER A 124 -0.36 1.96 -2.39
C SER A 124 -0.09 1.63 -3.85
N SER A 125 0.21 2.65 -4.65
CA SER A 125 0.43 2.45 -6.08
C SER A 125 1.61 1.52 -6.35
N SER A 126 2.67 1.64 -5.56
CA SER A 126 3.84 0.79 -5.76
C SER A 126 3.59 -0.66 -5.38
N SER A 127 2.44 -0.97 -4.76
CA SER A 127 2.12 -2.34 -4.43
C SER A 127 1.42 -3.09 -5.55
N ILE A 128 0.88 -2.37 -6.54
CA ILE A 128 0.04 -2.96 -7.56
C ILE A 128 0.48 -2.63 -8.98
N PHE A 129 1.51 -1.80 -9.16
CA PHE A 129 1.92 -1.37 -10.49
C PHE A 129 3.41 -1.63 -10.70
N LEU A 130 3.76 -2.03 -11.92
CA LEU A 130 5.14 -2.15 -12.36
C LEU A 130 5.34 -1.28 -13.60
N LEU A 131 6.53 -0.68 -13.72
CA LEU A 131 6.82 0.33 -14.72
C LEU A 131 7.78 -0.18 -15.79
N GLU A 132 7.67 0.42 -16.98
CA GLU A 132 8.70 0.34 -18.00
C GLU A 132 8.53 1.53 -18.91
N ASN A 133 9.61 2.29 -19.12
CA ASN A 133 9.59 3.53 -19.91
C ASN A 133 8.50 4.48 -19.40
N LYS A 134 8.49 4.71 -18.09
CA LYS A 134 7.58 5.59 -17.38
C LYS A 134 6.13 5.13 -17.43
N GLU A 135 5.81 4.03 -18.11
CA GLU A 135 4.44 3.59 -18.30
C GLU A 135 4.16 2.30 -17.54
N VAL A 136 2.95 2.20 -17.00
CA VAL A 136 2.53 0.98 -16.31
C VAL A 136 2.37 -0.13 -17.35
N VAL A 137 3.13 -1.20 -17.19
CA VAL A 137 3.06 -2.37 -18.06
C VAL A 137 2.57 -3.59 -17.30
N TYR A 138 2.19 -3.43 -16.03
CA TYR A 138 1.68 -4.52 -15.21
C TYR A 138 0.90 -3.90 -14.06
N GLY A 139 -0.31 -4.40 -13.82
CA GLY A 139 -1.17 -3.83 -12.82
C GLY A 139 -2.07 -4.87 -12.17
N GLU A 140 -2.54 -4.53 -10.98
CA GLU A 140 -3.51 -5.34 -10.24
C GLU A 140 -4.70 -4.46 -9.91
N LEU A 141 -5.87 -4.82 -10.42
CA LEU A 141 -7.05 -3.98 -10.32
C LEU A 141 -8.22 -4.61 -9.59
N GLU A 142 -8.10 -5.86 -9.12
CA GLU A 142 -9.22 -6.52 -8.47
C GLU A 142 -9.60 -5.85 -7.16
N ILE A 143 -8.60 -5.51 -6.33
CA ILE A 143 -8.89 -4.88 -5.06
C ILE A 143 -9.49 -3.49 -5.29
N LEU A 144 -9.00 -2.77 -6.31
CA LEU A 144 -9.64 -1.50 -6.68
C LEU A 144 -11.10 -1.71 -7.07
N ARG A 145 -11.36 -2.74 -7.87
CA ARG A 145 -12.73 -3.04 -8.29
C ARG A 145 -13.62 -3.34 -7.09
N LYS A 146 -13.15 -4.17 -6.15
CA LYS A 146 -13.96 -4.52 -5.00
C LYS A 146 -14.17 -3.32 -4.09
N LEU A 147 -13.16 -2.46 -3.96
CA LEU A 147 -13.31 -1.23 -3.20
C LEU A 147 -14.41 -0.36 -3.80
N LEU A 148 -14.42 -0.22 -5.12
CA LEU A 148 -15.48 0.54 -5.77
C LEU A 148 -16.83 -0.16 -5.64
N GLU A 149 -16.84 -1.49 -5.58
CA GLU A 149 -18.08 -2.24 -5.48
C GLU A 149 -18.73 -2.08 -4.11
N LEU A 150 -17.91 -2.03 -3.05
CA LEU A 150 -18.39 -1.81 -1.70
C LEU A 150 -18.55 -0.34 -1.35
N LYS A 151 -18.56 0.54 -2.35
CA LYS A 151 -18.81 1.98 -2.19
C LYS A 151 -17.73 2.65 -1.33
N PHE A 152 -16.48 2.24 -1.52
CA PHE A 152 -15.34 2.98 -1.00
C PHE A 152 -14.82 3.95 -2.05
N ILE A 153 -14.07 4.95 -1.60
CA ILE A 153 -13.39 5.86 -2.52
C ILE A 153 -11.90 5.55 -2.47
N PRO A 154 -11.38 4.74 -3.39
CA PRO A 154 -9.94 4.46 -3.39
C PRO A 154 -9.15 5.72 -3.76
N VAL A 155 -8.06 5.93 -3.02
CA VAL A 155 -7.21 7.09 -3.16
C VAL A 155 -5.79 6.58 -3.42
N LEU A 156 -5.32 6.75 -4.65
CA LEU A 156 -3.96 6.42 -5.04
C LEU A 156 -3.12 7.69 -5.15
N PHE A 157 -1.82 7.49 -5.39
CA PHE A 157 -0.91 8.62 -5.43
C PHE A 157 0.26 8.32 -6.35
N GLY A 158 0.75 9.37 -7.01
CA GLY A 158 2.06 9.28 -7.64
C GLY A 158 3.09 8.84 -6.62
N ASP A 159 3.99 7.97 -7.04
CA ASP A 159 4.71 7.16 -6.08
C ASP A 159 6.07 6.78 -6.64
N THR A 160 6.89 6.19 -5.78
CA THR A 160 8.01 5.40 -6.26
C THR A 160 7.48 4.08 -6.82
N ALA A 161 8.17 3.53 -7.80
CA ALA A 161 7.69 2.28 -8.38
C ALA A 161 8.85 1.45 -8.89
N ILE A 162 8.66 0.14 -8.88
CA ILE A 162 9.63 -0.78 -9.46
C ILE A 162 9.50 -0.71 -10.97
N ALA A 163 10.62 -0.49 -11.64
CA ALA A 163 10.67 -0.38 -13.10
C ALA A 163 11.44 -1.56 -13.65
N LEU A 164 10.87 -2.21 -14.66
CA LEU A 164 11.51 -3.39 -15.24
C LEU A 164 12.78 -3.03 -16.00
N ASP A 165 12.91 -1.79 -16.47
CA ASP A 165 14.08 -1.39 -17.25
C ASP A 165 15.19 -0.84 -16.36
N LYS A 166 14.88 0.09 -15.46
CA LYS A 166 15.90 0.77 -14.67
C LYS A 166 15.78 0.48 -13.18
N GLY A 167 15.11 -0.60 -12.79
CA GLY A 167 15.04 -0.98 -11.40
C GLY A 167 14.04 -0.18 -10.59
N ILE A 168 14.29 1.12 -10.45
CA ILE A 168 13.39 2.02 -9.76
C ILE A 168 13.06 3.19 -10.67
N ASP A 169 11.89 3.78 -10.46
CA ASP A 169 11.47 4.97 -11.19
C ASP A 169 10.40 5.69 -10.38
N ILE A 170 9.96 6.84 -10.88
CA ILE A 170 8.87 7.60 -10.29
C ILE A 170 7.65 7.43 -11.17
N LEU A 171 6.60 6.84 -10.61
CA LEU A 171 5.34 6.65 -11.30
C LEU A 171 4.47 7.89 -11.07
N SER A 172 4.28 8.66 -12.14
CA SER A 172 3.48 9.88 -12.07
C SER A 172 1.99 9.54 -12.02
N GLY A 173 1.23 10.41 -11.34
CA GLY A 173 -0.21 10.22 -11.25
C GLY A 173 -0.91 10.22 -12.60
N ASP A 174 -0.36 10.94 -13.57
CA ASP A 174 -0.92 10.94 -14.92
C ASP A 174 -0.87 9.54 -15.53
N GLN A 175 0.24 8.83 -15.36
CA GLN A 175 0.36 7.48 -15.91
C GLN A 175 -0.59 6.52 -15.21
N ILE A 176 -0.72 6.64 -13.89
CA ILE A 176 -1.70 5.86 -13.15
C ILE A 176 -3.09 6.08 -13.73
N VAL A 177 -3.46 7.35 -13.94
CA VAL A 177 -4.79 7.66 -14.42
C VAL A 177 -5.00 7.12 -15.83
N SER A 178 -3.96 7.15 -16.66
CA SER A 178 -4.11 6.64 -18.02
C SER A 178 -4.29 5.12 -18.04
N TYR A 179 -3.52 4.40 -17.22
CA TYR A 179 -3.72 2.96 -17.09
C TYR A 179 -5.12 2.65 -16.57
N LEU A 180 -5.53 3.32 -15.51
CA LEU A 180 -6.86 3.11 -14.95
C LEU A 180 -7.94 3.45 -15.95
N ALA A 181 -7.72 4.46 -16.79
CA ALA A 181 -8.70 4.85 -17.78
C ALA A 181 -8.85 3.78 -18.85
N LYS A 182 -7.73 3.28 -19.37
CA LYS A 182 -7.83 2.27 -20.42
C LYS A 182 -8.27 0.91 -19.89
N MET A 183 -8.15 0.65 -18.58
CA MET A 183 -8.60 -0.64 -18.04
C MET A 183 -10.01 -0.61 -17.47
N LEU A 184 -10.38 0.42 -16.71
CA LEU A 184 -11.68 0.51 -16.07
C LEU A 184 -12.69 1.33 -16.86
N LYS A 185 -12.26 2.01 -17.92
CA LYS A 185 -13.11 2.84 -18.78
C LYS A 185 -14.06 3.69 -17.96
N PRO A 186 -13.57 4.70 -17.22
CA PRO A 186 -14.47 5.53 -16.42
C PRO A 186 -15.34 6.42 -17.31
N SER A 187 -16.36 7.01 -16.69
CA SER A 187 -17.23 7.93 -17.40
C SER A 187 -16.47 9.21 -17.78
N LYS A 188 -15.66 9.74 -16.87
CA LYS A 188 -14.86 10.90 -17.18
C LYS A 188 -13.68 11.00 -16.23
N VAL A 189 -12.68 11.76 -16.67
CA VAL A 189 -11.45 12.00 -15.94
C VAL A 189 -11.31 13.50 -15.77
N ILE A 190 -11.19 13.94 -14.52
CA ILE A 190 -11.16 15.37 -14.18
C ILE A 190 -9.80 15.69 -13.59
N PHE A 191 -9.05 16.55 -14.26
CA PHE A 191 -7.75 17.01 -13.78
C PHE A 191 -7.93 18.32 -13.01
N LEU A 192 -7.62 18.32 -11.72
CA LEU A 192 -7.59 19.53 -10.92
C LEU A 192 -6.20 20.14 -11.05
N MET A 193 -6.12 21.32 -11.67
CA MET A 193 -4.84 22.01 -11.91
C MET A 193 -4.82 23.35 -11.18
N ASP A 194 -3.66 24.01 -11.26
CA ASP A 194 -3.48 25.35 -10.72
C ASP A 194 -4.00 26.44 -11.64
N VAL A 195 -4.40 26.10 -12.86
CA VAL A 195 -4.94 27.04 -13.82
C VAL A 195 -6.35 26.59 -14.19
N ASP A 196 -7.07 27.47 -14.89
CA ASP A 196 -8.47 27.20 -15.23
C ASP A 196 -8.62 26.11 -16.28
N GLY A 197 -7.53 25.67 -16.90
CA GLY A 197 -7.60 24.65 -17.94
C GLY A 197 -6.38 24.76 -18.85
N ILE A 198 -6.56 24.34 -20.09
CA ILE A 198 -5.49 24.41 -21.08
C ILE A 198 -5.60 25.72 -21.83
N TYR A 199 -4.46 26.39 -22.01
CA TYR A 199 -4.40 27.66 -22.71
C TYR A 199 -3.67 27.50 -24.04
N ASP A 200 -3.97 28.41 -24.97
CA ASP A 200 -3.32 28.38 -26.28
C ASP A 200 -1.85 28.75 -26.22
N ARG A 201 -1.40 29.36 -25.12
CA ARG A 201 0.02 29.63 -24.89
C ARG A 201 0.30 29.39 -23.41
N ASN A 202 1.53 29.68 -23.00
CA ASN A 202 1.84 29.66 -21.58
C ASN A 202 0.99 30.70 -20.86
N PRO A 203 0.27 30.33 -19.80
CA PRO A 203 -0.52 31.33 -19.05
C PRO A 203 0.32 32.46 -18.50
N LYS A 204 1.63 32.27 -18.33
CA LYS A 204 2.50 33.38 -17.94
C LYS A 204 2.40 34.54 -18.93
N GLU A 205 2.29 34.23 -20.22
CA GLU A 205 2.27 35.25 -21.26
C GLU A 205 1.01 36.11 -21.17
N ARG A 206 1.11 37.31 -21.75
CA ARG A 206 0.10 38.33 -21.52
C ARG A 206 -1.19 38.06 -22.28
N ASP A 207 -1.09 37.51 -23.49
CA ASP A 207 -2.26 37.30 -24.32
C ASP A 207 -2.85 35.90 -24.17
N ALA A 208 -2.48 35.18 -23.10
CA ALA A 208 -2.88 33.79 -22.97
C ALA A 208 -4.40 33.64 -22.86
N LYS A 209 -4.97 32.81 -23.73
CA LYS A 209 -6.40 32.57 -23.79
C LYS A 209 -6.69 31.12 -23.43
N LEU A 210 -7.80 30.89 -22.75
CA LEU A 210 -8.19 29.56 -22.31
C LEU A 210 -9.01 28.87 -23.39
N ILE A 211 -8.68 27.61 -23.67
CA ILE A 211 -9.40 26.81 -24.66
C ILE A 211 -10.56 26.11 -23.96
N GLU A 212 -11.78 26.46 -24.35
CA GLU A 212 -12.95 25.83 -23.75
C GLU A 212 -13.08 24.38 -24.20
N GLU A 213 -13.12 24.15 -25.51
CA GLU A 213 -13.24 22.81 -26.07
C GLU A 213 -11.91 22.45 -26.73
N LEU A 214 -11.25 21.43 -26.19
CA LEU A 214 -9.96 20.97 -26.71
C LEU A 214 -10.17 19.87 -27.75
N ASN A 215 -9.37 19.92 -28.81
CA ASN A 215 -9.35 18.89 -29.84
C ASN A 215 -7.91 18.44 -30.08
N VAL A 216 -7.78 17.34 -30.84
CA VAL A 216 -6.46 16.74 -31.05
C VAL A 216 -5.56 17.66 -31.87
N GLU A 217 -6.16 18.48 -32.75
CA GLU A 217 -5.38 19.39 -33.58
C GLU A 217 -4.59 20.37 -32.73
N GLU A 218 -5.29 21.13 -31.88
CA GLU A 218 -4.59 22.11 -31.04
C GLU A 218 -3.68 21.43 -30.02
N ILE A 219 -4.01 20.20 -29.61
CA ILE A 219 -3.13 19.47 -28.69
C ILE A 219 -1.79 19.18 -29.35
N ARG A 220 -1.82 18.66 -30.58
CA ARG A 220 -0.57 18.40 -31.29
C ARG A 220 0.18 19.69 -31.60
N HIS A 221 -0.56 20.74 -31.97
CA HIS A 221 0.06 22.03 -32.22
C HIS A 221 0.76 22.57 -30.98
N LEU A 222 0.14 22.39 -29.81
CA LEU A 222 0.76 22.83 -28.57
C LEU A 222 1.99 21.98 -28.24
N LEU A 223 1.91 20.68 -28.49
CA LEU A 223 3.04 19.81 -28.18
C LEU A 223 4.24 20.10 -29.07
N GLU A 224 4.01 20.47 -30.34
CA GLU A 224 5.12 20.72 -31.24
C GLU A 224 5.98 21.91 -30.82
N SER A 225 5.43 22.85 -30.06
CA SER A 225 6.18 24.03 -29.64
C SER A 225 6.91 23.76 -28.33
N ILE A 237 3.95 19.53 -18.24
CA ILE A 237 2.69 19.86 -18.89
C ILE A 237 2.49 18.98 -20.12
N GLY A 238 3.53 18.86 -20.95
CA GLY A 238 3.43 18.05 -22.15
C GLY A 238 3.07 16.61 -21.86
N ASN A 239 3.61 16.05 -20.78
CA ASN A 239 3.20 14.72 -20.35
C ASN A 239 1.69 14.66 -20.12
N LYS A 240 1.13 15.72 -19.56
CA LYS A 240 -0.32 15.75 -19.33
C LYS A 240 -1.08 15.72 -20.64
N LEU A 241 -0.65 16.49 -21.64
CA LEU A 241 -1.35 16.47 -22.93
C LEU A 241 -1.24 15.09 -23.59
N ARG A 242 -0.07 14.46 -23.51
CA ARG A 242 0.10 13.15 -24.13
C ARG A 242 -0.79 12.11 -23.45
N GLU A 243 -0.75 12.04 -22.12
CA GLU A 243 -1.62 11.12 -21.40
C GLU A 243 -3.08 11.42 -21.65
N ALA A 244 -3.44 12.70 -21.83
CA ALA A 244 -4.83 13.05 -22.11
C ALA A 244 -5.25 12.60 -23.50
N LEU A 245 -4.35 12.73 -24.48
CA LEU A 245 -4.61 12.16 -25.80
C LEU A 245 -4.91 10.68 -25.71
N LYS A 246 -4.15 9.95 -24.89
CA LYS A 246 -4.41 8.52 -24.72
C LYS A 246 -5.74 8.28 -23.99
N ILE A 247 -6.01 9.06 -22.94
CA ILE A 247 -7.19 8.86 -22.10
C ILE A 247 -8.46 9.14 -22.88
N ALA A 248 -8.45 10.16 -23.74
CA ALA A 248 -9.64 10.56 -24.48
C ALA A 248 -10.17 9.43 -25.36
N LYS A 249 -9.34 8.44 -25.68
CA LYS A 249 -9.82 7.27 -26.41
C LYS A 249 -10.91 6.56 -25.63
N HIS A 250 -10.83 6.56 -24.29
CA HIS A 250 -11.74 5.81 -23.45
C HIS A 250 -12.69 6.67 -22.63
N SER A 251 -12.34 7.92 -22.35
CA SER A 251 -13.15 8.74 -21.45
C SER A 251 -13.09 10.19 -21.87
N GLU A 252 -14.12 10.94 -21.44
CA GLU A 252 -14.14 12.38 -21.60
C GLU A 252 -13.26 13.01 -20.55
N VAL A 253 -12.44 14.00 -20.95
CA VAL A 253 -11.45 14.60 -20.07
C VAL A 253 -11.85 16.04 -19.77
N TYR A 254 -11.65 16.45 -18.53
CA TYR A 254 -11.78 17.84 -18.11
C TYR A 254 -10.47 18.30 -17.50
N PHE A 255 -10.12 19.55 -17.76
CA PHE A 255 -9.04 20.24 -17.04
C PHE A 255 -9.68 21.46 -16.39
N ILE A 256 -9.72 21.50 -15.06
CA ILE A 256 -10.34 22.61 -14.37
C ILE A 256 -9.39 23.12 -13.29
N ASN A 257 -9.73 24.28 -12.73
CA ASN A 257 -9.00 24.85 -11.60
C ASN A 257 -9.52 24.24 -10.30
N GLY A 258 -8.67 23.50 -9.61
CA GLY A 258 -9.05 22.80 -8.40
C GLY A 258 -9.15 23.64 -7.14
N LYS A 259 -8.79 24.91 -7.19
CA LYS A 259 -8.87 25.79 -6.03
C LYS A 259 -10.19 26.53 -5.95
N VAL A 260 -11.11 26.29 -6.88
CA VAL A 260 -12.46 26.84 -6.86
C VAL A 260 -13.42 25.66 -6.71
N LYS A 261 -14.20 25.66 -5.61
CA LYS A 261 -15.02 24.51 -5.26
C LYS A 261 -15.93 24.07 -6.41
N GLU A 262 -16.81 24.97 -6.85
CA GLU A 262 -17.89 24.60 -7.78
C GLU A 262 -17.37 24.02 -9.09
N ASN A 263 -16.09 24.18 -9.42
CA ASN A 263 -15.57 23.65 -10.67
C ASN A 263 -15.69 22.13 -10.72
N LEU A 264 -15.42 21.45 -9.61
CA LEU A 264 -15.50 20.00 -9.59
C LEU A 264 -16.93 19.53 -9.84
N GLY A 265 -17.90 20.12 -9.14
CA GLY A 265 -19.29 19.75 -9.36
C GLY A 265 -19.73 20.04 -10.78
N LYS A 266 -19.30 21.17 -11.34
CA LYS A 266 -19.67 21.51 -12.70
C LYS A 266 -19.12 20.49 -13.69
N ALA A 267 -17.88 20.01 -13.45
CA ALA A 267 -17.30 19.02 -14.36
C ALA A 267 -17.97 17.66 -14.19
N ILE A 268 -18.26 17.26 -12.95
CA ILE A 268 -18.96 15.99 -12.73
C ILE A 268 -20.32 16.01 -13.41
N ARG A 269 -21.04 17.14 -13.29
CA ARG A 269 -22.36 17.28 -13.89
C ARG A 269 -22.31 17.59 -15.38
N GLY A 270 -21.13 17.62 -15.99
CA GLY A 270 -21.01 17.84 -17.41
C GLY A 270 -21.27 19.25 -17.88
N GLU A 271 -21.32 20.22 -16.97
CA GLU A 271 -21.58 21.60 -17.35
C GLU A 271 -20.33 22.26 -17.92
N LYS A 272 -20.51 23.44 -18.50
CA LYS A 272 -19.41 24.16 -19.11
C LYS A 272 -18.48 24.72 -18.04
N VAL A 273 -17.22 24.25 -18.03
CA VAL A 273 -16.24 24.69 -17.05
C VAL A 273 -14.85 24.26 -17.51
N GLY A 274 -13.87 25.16 -17.38
CA GLY A 274 -12.50 24.81 -17.70
C GLY A 274 -12.33 24.43 -19.16
N THR A 275 -11.45 23.45 -19.40
CA THR A 275 -11.19 22.92 -20.72
C THR A 275 -11.80 21.53 -20.84
N ARG A 276 -12.57 21.30 -21.90
CA ARG A 276 -13.21 20.02 -22.13
C ARG A 276 -12.59 19.35 -23.35
N LEU A 277 -12.15 18.10 -23.19
CA LEU A 277 -11.63 17.27 -24.27
C LEU A 277 -12.58 16.09 -24.41
N ARG A 278 -13.43 16.14 -25.42
CA ARG A 278 -14.45 15.12 -25.58
C ARG A 278 -13.81 13.79 -25.99
N LYS A 279 -14.55 12.71 -25.80
CA LYS A 279 -14.07 11.38 -26.14
C LYS A 279 -13.85 11.27 -27.64
N LEU A 280 -12.70 10.73 -28.04
CA LEU A 280 -12.31 10.66 -29.45
C LEU A 280 -13.20 9.67 -30.18
N GLU A 281 -14.01 10.16 -31.11
CA GLU A 281 -14.87 9.30 -31.91
C GLU A 281 -14.52 9.45 -33.40
N HIS B 20 15.19 -20.28 -1.27
CA HIS B 20 16.29 -19.43 -0.83
C HIS B 20 15.78 -18.07 -0.39
N MET B 21 14.76 -18.07 0.47
CA MET B 21 14.16 -16.84 0.97
C MET B 21 13.47 -17.16 2.28
N ILE B 22 13.49 -16.21 3.21
CA ILE B 22 13.05 -16.43 4.58
C ILE B 22 11.97 -15.41 4.90
N ILE B 23 10.85 -15.87 5.47
CA ILE B 23 9.78 -14.99 5.93
C ILE B 23 9.86 -14.87 7.44
N ILE B 24 9.94 -13.64 7.95
CA ILE B 24 10.01 -13.39 9.38
C ILE B 24 8.73 -12.65 9.78
N LYS B 25 8.01 -13.23 10.74
CA LYS B 25 6.77 -12.67 11.25
C LYS B 25 7.04 -12.09 12.64
N LEU B 26 6.95 -10.77 12.74
CA LEU B 26 7.14 -10.05 14.00
C LEU B 26 5.80 -10.00 14.72
N GLY B 27 5.68 -10.71 15.84
CA GLY B 27 4.46 -10.65 16.62
C GLY B 27 4.20 -9.25 17.14
N GLY B 28 2.92 -8.93 17.29
CA GLY B 28 2.54 -7.61 17.79
C GLY B 28 2.95 -7.36 19.23
N SER B 29 3.25 -8.44 19.98
CA SER B 29 3.64 -8.31 21.38
C SER B 29 5.11 -7.94 21.55
N VAL B 30 5.96 -8.25 20.56
CA VAL B 30 7.36 -7.88 20.63
C VAL B 30 7.67 -6.54 19.98
N ILE B 31 6.82 -6.07 19.07
CA ILE B 31 7.04 -4.79 18.41
C ILE B 31 6.22 -3.66 19.02
N SER B 32 5.37 -3.96 20.00
CA SER B 32 4.51 -2.95 20.60
C SER B 32 4.01 -3.48 21.94
N ASP B 33 2.97 -2.84 22.50
CA ASP B 33 2.38 -3.23 23.77
C ASP B 33 3.40 -3.27 24.90
N SER B 39 2.37 2.29 21.65
CA SER B 39 3.59 1.68 22.16
C SER B 39 4.46 1.16 21.01
N PHE B 40 5.78 1.24 21.19
CA PHE B 40 6.72 0.83 20.14
C PHE B 40 8.06 0.51 20.79
N HIS B 41 8.51 -0.73 20.61
CA HIS B 41 9.80 -1.18 21.14
C HIS B 41 10.86 -0.97 20.07
N ARG B 42 11.41 0.25 20.01
CA ARG B 42 12.40 0.56 18.98
C ARG B 42 13.65 -0.29 19.13
N HIS B 43 14.03 -0.60 20.37
CA HIS B 43 15.26 -1.37 20.59
C HIS B 43 15.16 -2.77 19.99
N ILE B 44 14.00 -3.41 20.15
CA ILE B 44 13.82 -4.76 19.63
C ILE B 44 13.83 -4.77 18.11
N VAL B 45 13.18 -3.77 17.50
CA VAL B 45 13.21 -3.66 16.04
C VAL B 45 14.64 -3.40 15.56
N GLU B 46 15.39 -2.60 16.31
CA GLU B 46 16.80 -2.35 15.96
C GLU B 46 17.61 -3.63 16.05
N GLN B 47 17.34 -4.47 17.05
CA GLN B 47 18.02 -5.76 17.16
C GLN B 47 17.68 -6.68 16.01
N ILE B 48 16.39 -6.71 15.62
CA ILE B 48 15.98 -7.52 14.47
C ILE B 48 16.70 -7.06 13.22
N ALA B 49 16.80 -5.75 13.01
CA ALA B 49 17.47 -5.22 11.82
C ALA B 49 18.96 -5.53 11.83
N GLU B 50 19.60 -5.39 12.99
CA GLU B 50 21.02 -5.73 13.09
C GLU B 50 21.26 -7.21 12.83
N GLU B 51 20.32 -8.07 13.23
CA GLU B 51 20.46 -9.50 12.94
C GLU B 51 20.25 -9.77 11.46
N ILE B 52 19.29 -9.10 10.83
CA ILE B 52 19.04 -9.32 9.41
C ILE B 52 20.22 -8.86 8.57
N ALA B 53 20.87 -7.76 8.98
CA ALA B 53 22.00 -7.22 8.23
C ALA B 53 23.13 -8.23 8.05
N GLN B 54 23.20 -9.26 8.89
CA GLN B 54 24.25 -10.26 8.77
C GLN B 54 24.05 -11.18 7.58
N PHE B 55 22.89 -11.13 6.92
CA PHE B 55 22.59 -12.01 5.79
C PHE B 55 22.18 -11.26 4.54
N TYR B 56 21.76 -10.00 4.67
CA TYR B 56 21.48 -9.18 3.51
C TYR B 56 22.78 -8.83 2.80
N PRO B 57 22.82 -8.88 1.46
CA PRO B 57 21.71 -9.26 0.60
C PRO B 57 21.77 -10.71 0.10
N ASP B 58 22.65 -11.52 0.68
CA ASP B 58 22.81 -12.90 0.23
C ASP B 58 21.57 -13.75 0.50
N GLU B 59 20.70 -13.30 1.40
CA GLU B 59 19.45 -13.99 1.71
C GLU B 59 18.29 -13.03 1.45
N SER B 60 17.20 -13.56 0.87
CA SER B 60 16.00 -12.76 0.63
C SER B 60 15.08 -12.85 1.83
N PHE B 61 14.50 -11.70 2.19
CA PHE B 61 13.69 -11.61 3.40
C PHE B 61 12.37 -10.90 3.11
N ILE B 62 11.28 -11.46 3.63
CA ILE B 62 9.98 -10.80 3.71
C ILE B 62 9.63 -10.66 5.19
N LEU B 63 9.05 -9.51 5.56
CA LEU B 63 8.72 -9.21 6.94
C LEU B 63 7.24 -8.90 7.06
N VAL B 64 6.58 -9.54 8.03
CA VAL B 64 5.18 -9.29 8.34
C VAL B 64 5.10 -8.96 9.84
N HIS B 65 4.44 -7.86 10.17
CA HIS B 65 4.27 -7.46 11.56
C HIS B 65 2.79 -7.30 11.87
N GLY B 66 2.46 -7.44 13.15
CA GLY B 66 1.08 -7.39 13.61
C GLY B 66 0.64 -5.97 13.93
N GLY B 67 -0.55 -5.89 14.53
CA GLY B 67 -1.12 -4.59 14.87
C GLY B 67 -0.57 -4.00 16.15
N GLY B 68 -0.19 -4.82 17.11
CA GLY B 68 0.36 -4.34 18.37
C GLY B 68 -0.59 -3.46 19.16
N SER B 69 -0.23 -2.18 19.31
CA SER B 69 -1.08 -1.20 19.97
C SER B 69 -1.57 -0.13 19.01
N PHE B 70 -1.65 -0.47 17.71
CA PHE B 70 -2.09 0.47 16.68
C PHE B 70 -3.34 0.00 15.98
N GLY B 71 -3.34 -1.20 15.40
CA GLY B 71 -4.49 -1.70 14.67
C GLY B 71 -5.48 -2.43 15.54
N HIS B 72 -5.00 -3.03 16.63
CA HIS B 72 -5.88 -3.78 17.52
C HIS B 72 -6.93 -2.90 18.18
N PRO B 73 -6.62 -1.72 18.74
CA PRO B 73 -7.70 -0.91 19.33
C PRO B 73 -8.75 -0.47 18.32
N ASN B 74 -8.33 0.03 17.16
CA ASN B 74 -9.29 0.48 16.15
C ASN B 74 -10.14 -0.69 15.64
N ALA B 75 -9.51 -1.84 15.42
CA ALA B 75 -10.25 -3.00 14.93
C ALA B 75 -11.24 -3.52 15.96
N ARG B 76 -10.87 -3.51 17.24
CA ARG B 76 -11.82 -3.90 18.29
C ARG B 76 -12.95 -2.89 18.39
N GLU B 77 -12.64 -1.60 18.29
CA GLU B 77 -13.64 -0.55 18.41
C GLU B 77 -14.66 -0.68 17.29
N TYR B 78 -14.23 -0.50 16.04
CA TYR B 78 -15.18 -0.40 14.94
C TYR B 78 -15.79 -1.73 14.52
N LYS B 79 -15.48 -2.82 15.22
CA LYS B 79 -16.12 -4.13 15.02
C LYS B 79 -15.96 -4.61 13.58
N ILE B 80 -14.74 -4.45 13.03
CA ILE B 80 -14.48 -4.80 11.65
C ILE B 80 -14.76 -6.28 11.38
N THR B 81 -14.56 -7.13 12.39
CA THR B 81 -14.75 -8.56 12.19
C THR B 81 -16.21 -8.94 11.95
N GLU B 82 -17.16 -8.07 12.31
CA GLU B 82 -18.55 -8.35 11.99
C GLU B 82 -18.87 -8.13 10.53
N GLY B 83 -18.02 -7.42 9.78
CA GLY B 83 -18.29 -7.15 8.39
C GLY B 83 -19.15 -5.93 8.20
N LEU B 84 -19.73 -5.82 6.99
CA LEU B 84 -20.51 -4.66 6.59
C LEU B 84 -21.97 -4.88 6.98
N VAL B 85 -22.26 -4.66 8.26
CA VAL B 85 -23.60 -4.83 8.81
C VAL B 85 -23.84 -3.77 9.88
N GLY B 86 -25.12 -3.48 10.12
CA GLY B 86 -25.46 -2.41 11.04
C GLY B 86 -25.28 -1.07 10.38
N ASP B 87 -24.67 -0.13 11.10
CA ASP B 87 -24.35 1.18 10.54
C ASP B 87 -23.10 1.03 9.69
N VAL B 88 -23.31 0.73 8.40
CA VAL B 88 -22.18 0.47 7.51
C VAL B 88 -21.42 1.76 7.20
N ASP B 89 -22.10 2.90 7.23
CA ASP B 89 -21.44 4.17 6.96
C ASP B 89 -20.32 4.43 7.97
N ARG B 90 -20.54 4.03 9.22
CA ARG B 90 -19.49 4.14 10.23
C ARG B 90 -18.44 3.04 10.06
N LYS B 91 -18.87 1.85 9.61
CA LYS B 91 -17.94 0.74 9.42
C LYS B 91 -16.88 1.07 8.38
N ARG B 92 -17.28 1.74 7.29
CA ARG B 92 -16.31 2.13 6.27
C ARG B 92 -15.29 3.14 6.79
N ILE B 93 -15.76 4.15 7.52
CA ILE B 93 -14.86 5.15 8.10
C ILE B 93 -13.87 4.49 9.06
N GLY B 94 -14.36 3.53 9.86
CA GLY B 94 -13.48 2.87 10.80
C GLY B 94 -12.49 1.93 10.13
N PHE B 95 -12.94 1.22 9.10
CA PHE B 95 -12.06 0.45 8.24
C PHE B 95 -10.86 1.31 7.79
N SER B 96 -11.16 2.48 7.23
CA SER B 96 -10.10 3.36 6.75
C SER B 96 -9.22 3.86 7.89
N LYS B 97 -9.83 4.26 9.02
CA LYS B 97 -9.04 4.75 10.16
C LYS B 97 -8.07 3.70 10.65
N THR B 98 -8.54 2.44 10.77
CA THR B 98 -7.66 1.36 11.19
C THR B 98 -6.52 1.16 10.22
N HIS B 99 -6.81 1.19 8.91
CA HIS B 99 -5.74 1.06 7.94
C HIS B 99 -4.70 2.17 8.10
N GLN B 100 -5.16 3.40 8.36
CA GLN B 100 -4.22 4.51 8.51
C GLN B 100 -3.33 4.35 9.73
N ALA B 101 -3.91 3.91 10.86
CA ALA B 101 -3.09 3.65 12.05
C ALA B 101 -2.07 2.54 11.78
N MET B 102 -2.48 1.50 11.04
CA MET B 102 -1.55 0.45 10.66
C MET B 102 -0.40 1.02 9.83
N LEU B 103 -0.72 1.94 8.91
CA LEU B 103 0.33 2.59 8.14
C LEU B 103 1.28 3.40 9.03
N LYS B 104 0.76 4.02 10.08
CA LYS B 104 1.63 4.76 11.00
C LYS B 104 2.64 3.84 11.69
N LEU B 105 2.15 2.73 12.26
CA LEU B 105 3.08 1.78 12.90
C LEU B 105 4.07 1.21 11.88
N ASN B 106 3.57 0.88 10.69
CA ASN B 106 4.42 0.39 9.61
C ASN B 106 5.53 1.39 9.32
N ASP B 107 5.22 2.68 9.32
CA ASP B 107 6.24 3.68 9.04
C ASP B 107 7.27 3.71 10.15
N LEU B 108 6.83 3.58 11.41
CA LEU B 108 7.79 3.49 12.52
C LEU B 108 8.80 2.38 12.27
N ILE B 109 8.30 1.17 11.97
CA ILE B 109 9.19 0.04 11.74
C ILE B 109 10.07 0.27 10.51
N ILE B 110 9.51 0.82 9.44
CA ILE B 110 10.26 1.01 8.20
C ILE B 110 11.40 2.00 8.41
N GLN B 111 11.13 3.11 9.09
CA GLN B 111 12.18 4.09 9.35
C GLN B 111 13.25 3.50 10.24
N THR B 112 12.87 2.67 11.23
CA THR B 112 13.88 2.00 12.04
C THR B 112 14.79 1.14 11.16
N PHE B 113 14.20 0.35 10.25
CA PHE B 113 15.00 -0.50 9.37
C PHE B 113 15.88 0.34 8.45
N LEU B 114 15.38 1.49 7.99
CA LEU B 114 16.16 2.32 7.07
C LEU B 114 17.35 2.96 7.76
N GLU B 115 17.18 3.38 9.02
CA GLU B 115 18.31 3.96 9.76
C GLU B 115 19.48 2.98 9.85
N LYS B 116 19.19 1.68 9.93
CA LYS B 116 20.23 0.65 9.98
C LYS B 116 20.74 0.27 8.59
N GLY B 117 20.34 0.98 7.54
CA GLY B 117 20.85 0.71 6.21
C GLY B 117 20.19 -0.42 5.47
N LEU B 118 19.06 -0.96 5.97
CA LEU B 118 18.35 -2.03 5.27
C LEU B 118 17.23 -1.45 4.41
N PRO B 119 17.16 -1.76 3.12
CA PRO B 119 16.12 -1.16 2.26
C PRO B 119 14.76 -1.83 2.42
N ALA B 120 14.20 -1.67 3.61
CA ALA B 120 12.82 -2.11 3.86
C ALA B 120 11.86 -1.23 3.07
N TYR B 121 10.92 -1.86 2.37
CA TYR B 121 9.93 -1.17 1.56
C TYR B 121 8.54 -1.64 1.97
N SER B 122 7.63 -0.69 2.15
CA SER B 122 6.31 -0.96 2.72
C SER B 122 5.36 -1.45 1.64
N VAL B 123 4.80 -2.64 1.83
CA VAL B 123 3.77 -3.20 0.95
C VAL B 123 2.46 -3.22 1.72
N SER B 124 1.44 -2.58 1.15
CA SER B 124 0.12 -2.50 1.79
C SER B 124 -0.63 -3.80 1.56
N SER B 125 -0.86 -4.56 2.64
CA SER B 125 -1.49 -5.87 2.52
C SER B 125 -2.89 -5.77 1.92
N SER B 126 -3.68 -4.79 2.36
CA SER B 126 -5.04 -4.63 1.84
C SER B 126 -5.07 -4.15 0.39
N SER B 127 -3.92 -3.83 -0.20
CA SER B 127 -3.86 -3.44 -1.61
C SER B 127 -3.70 -4.65 -2.54
N ILE B 128 -3.28 -5.80 -2.03
CA ILE B 128 -2.95 -6.94 -2.88
C ILE B 128 -3.66 -8.22 -2.48
N PHE B 129 -4.48 -8.21 -1.42
CA PHE B 129 -5.10 -9.44 -0.92
C PHE B 129 -6.60 -9.27 -0.76
N LEU B 130 -7.33 -10.36 -0.99
CA LEU B 130 -8.77 -10.44 -0.81
C LEU B 130 -9.10 -11.68 0.00
N LEU B 131 -9.96 -11.51 1.00
CA LEU B 131 -10.28 -12.51 2.01
C LEU B 131 -11.60 -13.22 1.74
N GLU B 132 -11.69 -14.46 2.24
CA GLU B 132 -12.96 -15.15 2.42
C GLU B 132 -12.82 -16.14 3.55
N ASN B 133 -13.74 -16.09 4.51
CA ASN B 133 -13.64 -16.86 5.75
C ASN B 133 -12.27 -16.64 6.39
N LYS B 134 -11.90 -15.37 6.53
CA LYS B 134 -10.68 -14.91 7.19
C LYS B 134 -9.41 -15.44 6.52
N GLU B 135 -9.53 -16.06 5.34
CA GLU B 135 -8.38 -16.60 4.63
C GLU B 135 -8.18 -15.87 3.31
N VAL B 136 -6.93 -15.72 2.91
CA VAL B 136 -6.61 -15.07 1.65
C VAL B 136 -7.05 -15.99 0.52
N VAL B 137 -8.04 -15.56 -0.26
CA VAL B 137 -8.45 -16.30 -1.45
C VAL B 137 -8.07 -15.61 -2.74
N TYR B 138 -7.59 -14.36 -2.68
CA TYR B 138 -7.06 -13.70 -3.88
C TYR B 138 -5.82 -12.91 -3.49
N GLY B 139 -4.81 -12.92 -4.36
CA GLY B 139 -3.55 -12.29 -4.02
C GLY B 139 -2.69 -11.86 -5.19
N GLU B 140 -2.05 -10.71 -5.05
CA GLU B 140 -1.11 -10.17 -6.03
C GLU B 140 0.29 -10.30 -5.48
N LEU B 141 1.15 -11.04 -6.18
CA LEU B 141 2.47 -11.38 -5.66
C LEU B 141 3.62 -10.93 -6.55
N GLU B 142 3.34 -10.36 -7.72
CA GLU B 142 4.41 -10.06 -8.67
C GLU B 142 5.28 -8.91 -8.18
N ILE B 143 4.68 -7.91 -7.53
CA ILE B 143 5.47 -6.80 -7.01
C ILE B 143 6.36 -7.26 -5.86
N LEU B 144 5.86 -8.18 -5.03
CA LEU B 144 6.71 -8.73 -3.97
C LEU B 144 7.91 -9.47 -4.56
N ARG B 145 7.67 -10.28 -5.58
CA ARG B 145 8.79 -10.96 -6.25
C ARG B 145 9.77 -9.95 -6.83
N LYS B 146 9.28 -8.90 -7.49
CA LYS B 146 10.17 -7.92 -8.08
C LYS B 146 10.97 -7.19 -7.01
N LEU B 147 10.34 -6.90 -5.86
CA LEU B 147 11.06 -6.28 -4.76
C LEU B 147 12.17 -7.19 -4.26
N LEU B 148 11.88 -8.48 -4.06
CA LEU B 148 12.89 -9.42 -3.62
C LEU B 148 14.03 -9.54 -4.64
N GLU B 149 13.69 -9.52 -5.93
CA GLU B 149 14.71 -9.67 -6.96
C GLU B 149 15.67 -8.49 -6.95
N LEU B 150 15.16 -7.27 -6.79
CA LEU B 150 15.98 -6.07 -6.77
C LEU B 150 16.60 -5.82 -5.40
N LYS B 151 16.78 -6.90 -4.62
CA LYS B 151 17.44 -6.84 -3.31
C LYS B 151 16.76 -5.85 -2.36
N PHE B 152 15.44 -5.75 -2.44
CA PHE B 152 14.66 -5.01 -1.46
C PHE B 152 14.12 -5.97 -0.41
N ILE B 153 13.64 -5.40 0.68
CA ILE B 153 13.08 -6.16 1.79
C ILE B 153 11.63 -5.73 1.98
N PRO B 154 10.68 -6.49 1.46
CA PRO B 154 9.27 -6.12 1.62
C PRO B 154 8.83 -6.27 3.07
N VAL B 155 7.99 -5.34 3.52
CA VAL B 155 7.48 -5.32 4.89
C VAL B 155 5.97 -5.19 4.82
N LEU B 156 5.27 -6.28 5.10
CA LEU B 156 3.81 -6.28 5.15
C LEU B 156 3.33 -6.24 6.59
N PHE B 157 2.04 -5.96 6.76
CA PHE B 157 1.45 -5.87 8.07
C PHE B 157 0.06 -6.51 8.07
N GLY B 158 -0.29 -7.14 9.20
CA GLY B 158 -1.67 -7.47 9.45
C GLY B 158 -2.48 -6.22 9.25
N ASP B 159 -3.67 -6.33 8.68
CA ASP B 159 -4.32 -5.16 8.14
C ASP B 159 -5.83 -5.36 8.15
N THR B 160 -6.55 -4.27 7.89
CA THR B 160 -7.91 -4.39 7.41
C THR B 160 -7.88 -4.96 6.00
N ALA B 161 -8.99 -5.59 5.59
CA ALA B 161 -8.99 -6.20 4.26
C ALA B 161 -10.41 -6.37 3.76
N ILE B 162 -10.55 -6.28 2.44
CA ILE B 162 -11.83 -6.57 1.82
C ILE B 162 -12.07 -8.07 1.85
N ALA B 163 -13.25 -8.46 2.34
CA ALA B 163 -13.65 -9.86 2.41
C ALA B 163 -14.81 -10.09 1.46
N LEU B 164 -14.73 -11.16 0.68
CA LEU B 164 -15.77 -11.47 -0.29
C LEU B 164 -17.08 -11.89 0.37
N ASP B 165 -17.04 -12.36 1.62
CA ASP B 165 -18.26 -12.80 2.29
C ASP B 165 -18.90 -11.68 3.10
N LYS B 166 -18.13 -11.04 3.99
CA LYS B 166 -18.66 -10.05 4.91
C LYS B 166 -18.34 -8.62 4.51
N GLY B 167 -17.82 -8.40 3.30
CA GLY B 167 -17.49 -7.05 2.88
C GLY B 167 -16.16 -6.59 3.41
N ILE B 168 -16.06 -6.44 4.74
CA ILE B 168 -14.79 -6.08 5.38
C ILE B 168 -14.46 -7.13 6.43
N ASP B 169 -13.17 -7.25 6.74
CA ASP B 169 -12.70 -8.17 7.75
C ASP B 169 -11.29 -7.76 8.18
N ILE B 170 -10.77 -8.45 9.17
CA ILE B 170 -9.41 -8.25 9.65
C ILE B 170 -8.55 -9.39 9.10
N LEU B 171 -7.56 -9.03 8.29
CA LEU B 171 -6.60 -9.99 7.75
C LEU B 171 -5.42 -10.04 8.70
N SER B 172 -5.26 -11.16 9.39
CA SER B 172 -4.20 -11.30 10.37
C SER B 172 -2.85 -11.59 9.70
N GLY B 173 -1.77 -11.35 10.45
CA GLY B 173 -0.44 -11.63 9.94
C GLY B 173 -0.21 -13.10 9.65
N ASP B 174 -0.81 -13.98 10.47
CA ASP B 174 -0.63 -15.41 10.26
C ASP B 174 -1.22 -15.86 8.92
N GLN B 175 -2.35 -15.27 8.52
CA GLN B 175 -2.96 -15.64 7.26
C GLN B 175 -2.15 -15.13 6.08
N ILE B 176 -1.64 -13.90 6.17
CA ILE B 176 -0.70 -13.41 5.17
C ILE B 176 0.48 -14.36 5.02
N VAL B 177 1.06 -14.77 6.16
CA VAL B 177 2.23 -15.64 6.13
C VAL B 177 1.89 -16.99 5.51
N SER B 178 0.71 -17.53 5.82
CA SER B 178 0.32 -18.81 5.24
C SER B 178 0.14 -18.71 3.73
N TYR B 179 -0.49 -17.63 3.26
CA TYR B 179 -0.66 -17.45 1.82
C TYR B 179 0.69 -17.29 1.12
N LEU B 180 1.55 -16.43 1.66
CA LEU B 180 2.87 -16.25 1.06
C LEU B 180 3.67 -17.55 1.10
N ALA B 181 3.49 -18.35 2.14
CA ALA B 181 4.16 -19.65 2.22
C ALA B 181 3.68 -20.57 1.09
N LYS B 182 2.36 -20.65 0.89
CA LYS B 182 1.82 -21.43 -0.23
C LYS B 182 2.44 -21.00 -1.54
N MET B 183 2.44 -19.69 -1.80
CA MET B 183 2.77 -19.20 -3.15
C MET B 183 4.27 -19.16 -3.40
N LEU B 184 5.02 -18.46 -2.55
CA LEU B 184 6.45 -18.25 -2.77
C LEU B 184 7.31 -19.39 -2.23
N LYS B 185 6.78 -20.24 -1.37
CA LYS B 185 7.51 -21.37 -0.80
C LYS B 185 8.86 -20.93 -0.24
N PRO B 186 8.88 -20.22 0.88
CA PRO B 186 10.17 -19.78 1.44
C PRO B 186 10.91 -20.94 2.06
N SER B 187 12.23 -20.75 2.21
CA SER B 187 13.05 -21.78 2.85
C SER B 187 12.65 -21.97 4.31
N LYS B 188 12.22 -20.91 4.99
CA LYS B 188 11.71 -21.05 6.34
C LYS B 188 10.84 -19.85 6.71
N VAL B 189 10.01 -20.08 7.72
CA VAL B 189 9.15 -19.08 8.32
C VAL B 189 9.49 -19.00 9.80
N ILE B 190 9.79 -17.81 10.28
CA ILE B 190 10.26 -17.60 11.64
C ILE B 190 9.28 -16.69 12.37
N PHE B 191 8.63 -17.22 13.40
CA PHE B 191 7.73 -16.46 14.25
C PHE B 191 8.49 -15.93 15.47
N LEU B 192 8.54 -14.59 15.60
CA LEU B 192 9.09 -13.96 16.79
C LEU B 192 7.98 -13.78 17.81
N MET B 193 8.16 -14.33 19.01
CA MET B 193 7.13 -14.38 20.02
C MET B 193 7.66 -13.80 21.34
N ASP B 194 6.74 -13.59 22.27
CA ASP B 194 7.11 -13.13 23.60
C ASP B 194 7.82 -14.20 24.41
N VAL B 195 7.58 -15.47 24.09
CA VAL B 195 8.14 -16.58 24.85
C VAL B 195 9.16 -17.33 24.00
N ASP B 196 9.82 -18.32 24.60
CA ASP B 196 10.91 -19.02 23.92
C ASP B 196 10.45 -19.99 22.85
N GLY B 197 9.16 -20.28 22.77
CA GLY B 197 8.67 -21.18 21.73
C GLY B 197 7.37 -21.84 22.15
N ILE B 198 7.13 -23.03 21.61
CA ILE B 198 5.91 -23.78 21.88
C ILE B 198 6.16 -24.68 23.09
N TYR B 199 5.33 -24.53 24.11
CA TYR B 199 5.53 -25.23 25.38
C TYR B 199 4.57 -26.41 25.50
N ASP B 200 4.84 -27.25 26.52
CA ASP B 200 3.97 -28.33 26.92
C ASP B 200 2.64 -27.79 27.41
N ARG B 201 2.68 -27.10 28.53
CA ARG B 201 1.51 -26.42 29.08
C ARG B 201 1.59 -24.96 28.68
N ASN B 202 0.74 -24.14 29.28
CA ASN B 202 0.89 -22.70 29.14
C ASN B 202 2.17 -22.26 29.84
N PRO B 203 2.93 -21.32 29.26
CA PRO B 203 4.14 -20.83 29.93
C PRO B 203 3.88 -20.17 31.28
N LYS B 204 2.64 -19.77 31.61
CA LYS B 204 2.40 -19.20 32.94
C LYS B 204 2.57 -20.22 34.06
N GLU B 205 2.39 -21.51 33.75
CA GLU B 205 2.60 -22.56 34.75
C GLU B 205 4.09 -22.80 34.95
N ARG B 206 4.47 -23.13 36.19
CA ARG B 206 5.89 -23.27 36.52
C ARG B 206 6.53 -24.44 35.81
N ASP B 207 5.80 -25.55 35.67
CA ASP B 207 6.36 -26.81 35.18
C ASP B 207 6.30 -26.93 33.65
N ALA B 208 6.04 -25.83 32.94
CA ALA B 208 5.95 -25.91 31.48
C ALA B 208 7.32 -26.25 30.87
N LYS B 209 7.28 -27.12 29.86
CA LYS B 209 8.50 -27.56 29.17
C LYS B 209 8.48 -27.08 27.72
N LEU B 210 9.61 -26.56 27.26
CA LEU B 210 9.73 -26.08 25.89
C LEU B 210 9.98 -27.24 24.94
N ILE B 211 9.14 -27.37 23.92
CA ILE B 211 9.30 -28.40 22.91
C ILE B 211 10.32 -27.90 21.90
N GLU B 212 11.53 -28.49 21.92
CA GLU B 212 12.58 -28.04 21.02
C GLU B 212 12.36 -28.56 19.60
N GLU B 213 11.68 -29.69 19.45
CA GLU B 213 11.38 -30.24 18.13
C GLU B 213 9.90 -30.57 18.08
N LEU B 214 9.17 -29.83 17.26
CA LEU B 214 7.73 -30.00 17.10
C LEU B 214 7.43 -30.90 15.92
N ASN B 215 6.46 -31.79 16.10
CA ASN B 215 5.96 -32.64 15.02
C ASN B 215 4.45 -32.51 14.93
N VAL B 216 3.88 -33.19 13.93
CA VAL B 216 2.44 -33.10 13.68
C VAL B 216 1.65 -33.65 14.86
N GLU B 217 2.10 -34.78 15.42
CA GLU B 217 1.32 -35.42 16.48
C GLU B 217 1.34 -34.59 17.76
N GLU B 218 2.47 -33.95 18.08
CA GLU B 218 2.51 -33.08 19.25
C GLU B 218 1.62 -31.86 19.05
N ILE B 219 1.61 -31.31 17.84
CA ILE B 219 0.70 -30.22 17.51
C ILE B 219 -0.75 -30.66 17.75
N ARG B 220 -1.17 -31.73 17.07
CA ARG B 220 -2.54 -32.22 17.22
C ARG B 220 -2.90 -32.48 18.68
N HIS B 221 -1.97 -33.07 19.44
CA HIS B 221 -2.15 -33.23 20.88
C HIS B 221 -2.44 -31.89 21.54
N LEU B 222 -1.72 -30.84 21.15
CA LEU B 222 -1.90 -29.54 21.78
C LEU B 222 -3.24 -28.89 21.41
N LEU B 223 -3.73 -29.09 20.19
CA LEU B 223 -4.99 -28.43 19.83
C LEU B 223 -6.19 -29.00 20.59
N GLU B 224 -6.22 -30.32 20.80
CA GLU B 224 -7.42 -30.94 21.37
C GLU B 224 -7.66 -30.55 22.83
N SER B 225 -6.67 -30.01 23.51
CA SER B 225 -6.82 -29.66 24.92
C SER B 225 -7.62 -28.38 25.10
N ILE B 237 -3.55 -18.42 19.94
CA ILE B 237 -2.39 -19.30 19.92
C ILE B 237 -2.65 -20.51 19.03
N GLY B 238 -3.78 -21.17 19.26
CA GLY B 238 -4.14 -22.31 18.43
C GLY B 238 -4.25 -21.96 16.95
N ASN B 239 -4.66 -20.73 16.66
CA ASN B 239 -4.66 -20.27 15.26
C ASN B 239 -3.26 -20.31 14.69
N LYS B 240 -2.28 -19.83 15.45
CA LYS B 240 -0.89 -19.89 15.01
C LYS B 240 -0.45 -21.33 14.77
N LEU B 241 -0.89 -22.27 15.61
CA LEU B 241 -0.48 -23.66 15.45
C LEU B 241 -1.13 -24.28 14.21
N ARG B 242 -2.38 -23.93 13.93
CA ARG B 242 -3.03 -24.43 12.71
C ARG B 242 -2.33 -23.89 11.47
N GLU B 243 -2.05 -22.58 11.47
CA GLU B 243 -1.31 -22.00 10.35
C GLU B 243 0.06 -22.63 10.22
N ALA B 244 0.71 -22.97 11.34
CA ALA B 244 2.01 -23.61 11.27
C ALA B 244 1.93 -25.01 10.66
N LEU B 245 0.89 -25.76 11.03
CA LEU B 245 0.67 -27.06 10.40
C LEU B 245 0.51 -26.91 8.90
N LYS B 246 -0.23 -25.90 8.45
CA LYS B 246 -0.37 -25.66 7.02
C LYS B 246 0.96 -25.27 6.38
N ILE B 247 1.71 -24.37 7.03
CA ILE B 247 2.96 -23.84 6.46
C ILE B 247 4.00 -24.95 6.35
N ALA B 248 4.03 -25.87 7.32
CA ALA B 248 5.03 -26.93 7.34
C ALA B 248 4.98 -27.81 6.10
N LYS B 249 3.87 -27.78 5.36
CA LYS B 249 3.82 -28.51 4.09
C LYS B 249 4.79 -27.93 3.07
N HIS B 250 5.16 -26.66 3.20
CA HIS B 250 6.01 -25.99 2.23
C HIS B 250 7.34 -25.50 2.79
N SER B 251 7.42 -25.21 4.09
CA SER B 251 8.60 -24.56 4.65
C SER B 251 8.85 -25.04 6.07
N GLU B 252 10.11 -24.94 6.48
CA GLU B 252 10.49 -25.19 7.86
C GLU B 252 10.05 -24.01 8.73
N VAL B 253 9.48 -24.29 9.90
CA VAL B 253 8.97 -23.26 10.79
C VAL B 253 9.81 -23.20 12.05
N TYR B 254 10.08 -21.98 12.52
CA TYR B 254 10.75 -21.72 13.78
C TYR B 254 9.85 -20.85 14.65
N PHE B 255 9.76 -21.18 15.93
CA PHE B 255 9.14 -20.34 16.94
C PHE B 255 10.22 -19.91 17.92
N ILE B 256 10.57 -18.62 17.94
CA ILE B 256 11.67 -18.16 18.78
C ILE B 256 11.25 -16.92 19.56
N ASN B 257 12.01 -16.63 20.61
CA ASN B 257 11.80 -15.45 21.44
C ASN B 257 12.41 -14.24 20.75
N GLY B 258 11.56 -13.30 20.33
CA GLY B 258 12.02 -12.11 19.64
C GLY B 258 12.71 -11.09 20.53
N LYS B 259 12.71 -11.31 21.84
CA LYS B 259 13.32 -10.35 22.75
C LYS B 259 14.83 -10.57 22.90
N VAL B 260 15.33 -11.75 22.56
CA VAL B 260 16.76 -12.05 22.63
C VAL B 260 17.33 -11.93 21.22
N LYS B 261 18.28 -11.01 21.05
CA LYS B 261 18.71 -10.59 19.72
C LYS B 261 19.23 -11.76 18.89
N GLU B 262 20.06 -12.63 19.47
CA GLU B 262 20.76 -13.65 18.73
C GLU B 262 19.86 -14.78 18.24
N ASN B 263 18.64 -14.88 18.76
CA ASN B 263 17.76 -15.97 18.38
C ASN B 263 17.40 -15.91 16.90
N LEU B 264 17.18 -14.70 16.37
CA LEU B 264 16.81 -14.56 14.96
C LEU B 264 17.91 -15.12 14.06
N GLY B 265 19.16 -14.77 14.33
CA GLY B 265 20.25 -15.29 13.53
C GLY B 265 20.47 -16.77 13.71
N LYS B 266 20.30 -17.26 14.94
CA LYS B 266 20.37 -18.70 15.17
C LYS B 266 19.34 -19.44 14.33
N ALA B 267 18.13 -18.87 14.21
CA ALA B 267 17.08 -19.53 13.44
C ALA B 267 17.34 -19.42 11.94
N ILE B 268 17.86 -18.27 11.48
CA ILE B 268 18.11 -18.09 10.05
C ILE B 268 19.16 -19.08 9.55
N ARG B 269 20.20 -19.32 10.35
CA ARG B 269 21.26 -20.25 9.97
C ARG B 269 20.90 -21.70 10.23
N GLY B 270 19.77 -21.98 10.86
CA GLY B 270 19.37 -23.34 11.12
C GLY B 270 19.89 -23.95 12.40
N GLU B 271 20.50 -23.15 13.27
CA GLU B 271 21.02 -23.64 14.53
C GLU B 271 19.89 -24.00 15.48
N LYS B 272 20.26 -24.62 16.60
CA LYS B 272 19.29 -25.00 17.61
C LYS B 272 18.83 -23.77 18.37
N VAL B 273 17.53 -23.48 18.32
CA VAL B 273 16.93 -22.34 19.02
C VAL B 273 15.41 -22.50 19.02
N GLY B 274 14.79 -22.24 20.17
CA GLY B 274 13.34 -22.24 20.26
C GLY B 274 12.74 -23.57 19.87
N THR B 275 11.59 -23.50 19.19
CA THR B 275 10.87 -24.68 18.70
C THR B 275 11.02 -24.77 17.19
N ARG B 276 11.31 -25.97 16.70
CA ARG B 276 11.55 -26.21 15.28
C ARG B 276 10.55 -27.22 14.75
N LEU B 277 9.70 -26.78 13.83
CA LEU B 277 8.76 -27.65 13.14
C LEU B 277 9.34 -27.91 11.75
N ARG B 278 9.90 -29.11 11.58
CA ARG B 278 10.52 -29.48 10.32
C ARG B 278 9.47 -29.56 9.22
N LYS B 279 9.94 -29.42 7.98
CA LYS B 279 9.05 -29.56 6.83
C LYS B 279 8.54 -30.99 6.75
N LEU B 280 7.24 -31.12 6.53
CA LEU B 280 6.62 -32.44 6.46
C LEU B 280 7.13 -33.22 5.26
N GLU B 281 7.26 -34.53 5.43
CA GLU B 281 7.61 -35.42 4.34
C GLU B 281 6.44 -36.32 3.98
N HIS B 282 6.55 -37.61 4.31
CA HIS B 282 5.48 -38.57 4.03
C HIS B 282 5.29 -39.52 5.21
PB ADP C . 2.04 17.98 -12.22
O1B ADP C . 3.37 18.50 -11.74
O2B ADP C . 2.14 16.94 -13.31
O3B ADP C . 1.06 17.62 -11.11
PA ADP C . 1.80 19.73 -14.40
O1A ADP C . 3.31 19.74 -14.44
O2A ADP C . 1.04 18.94 -15.44
O3A ADP C . 1.35 19.25 -12.94
O5' ADP C . 1.30 21.25 -14.49
C5' ADP C . 1.22 21.88 -15.77
C4' ADP C . 1.74 23.31 -15.68
O4' ADP C . 2.18 23.75 -16.98
C3' ADP C . 0.70 24.31 -15.22
O3' ADP C . 0.88 24.65 -13.84
C2' ADP C . 0.88 25.53 -16.11
O2' ADP C . 1.41 26.61 -15.34
C1' ADP C . 1.90 25.14 -17.17
N9 ADP C . 1.41 25.35 -18.57
C8 ADP C . 2.24 25.64 -19.60
N7 ADP C . 1.56 25.80 -20.76
C5 ADP C . 0.26 25.60 -20.48
C6 ADP C . -1.01 25.63 -21.27
N6 ADP C . -0.99 25.88 -22.61
N1 ADP C . -2.16 25.37 -20.62
C2 ADP C . -2.17 25.12 -19.30
N3 ADP C . -1.07 25.08 -18.52
C4 ADP C . 0.16 25.32 -19.04
OAD 4LR D . 2.86 15.15 -9.51
PAJ 4LR D . 3.08 13.69 -9.83
OAE 4LR D . 3.66 13.57 -11.21
OAC 4LR D . 1.77 12.94 -9.72
OAH 4LR D . 4.12 13.06 -8.76
CAG 4LR D . 4.78 11.82 -9.02
CAF 4LR D . 5.21 11.15 -7.73
CAI 4LR D . 6.25 11.59 -6.99
CAB 4LR D . 6.61 10.86 -5.73
CAA 4LR D . 7.06 12.78 -7.42
PB ADP E . 0.77 -12.79 18.00
O1B ADP E . 1.05 -11.54 18.80
O2B ADP E . -0.64 -12.86 17.45
O3B ADP E . 1.84 -13.14 17.00
PA ADP E . -0.48 -14.36 19.98
O1A ADP E . -1.27 -13.11 20.24
O2A ADP E . -1.15 -15.54 19.30
O3A ADP E . 0.82 -13.96 19.12
O5' ADP E . 0.15 -14.86 21.38
C5' ADP E . -0.71 -15.33 22.43
C4' ADP E . 0.09 -15.60 23.69
O4' ADP E . -0.34 -16.80 24.36
C3' ADP E . 1.57 -15.80 23.39
O3' ADP E . 2.30 -14.60 23.68
C2' ADP E . 2.02 -16.93 24.30
O2' ADP E . 2.90 -16.42 25.30
C1' ADP E . 0.76 -17.46 24.99
N9 ADP E . 0.61 -18.95 24.94
C8 ADP E . -0.55 -19.59 25.22
N7 ADP E . -0.42 -20.94 25.14
C5 ADP E . 0.86 -21.20 24.80
C6 ADP E . 1.67 -22.43 24.54
N6 ADP E . 1.12 -23.66 24.63
N1 ADP E . 2.98 -22.26 24.21
C2 ADP E . 3.52 -21.05 24.12
N3 ADP E . 2.85 -19.90 24.34
C4 ADP E . 1.53 -19.89 24.68
OAD 4LR F . -1.67 -9.05 15.11
PAJ 4LR F . -2.01 -9.60 13.73
OAE 4LR F . -0.76 -10.10 13.05
OAC 4LR F . -3.02 -10.72 13.88
OAH 4LR F . -2.65 -8.42 12.83
CAG 4LR F . -3.87 -7.77 13.21
CAF 4LR F . -4.08 -6.56 12.33
CAI 4LR F . -5.07 -5.67 12.59
CAB 4LR F . -5.25 -4.48 11.70
CAA 4LR F . -5.98 -5.88 13.77
#